data_6PR6
#
_entry.id   6PR6
#
_cell.length_a   79.140
_cell.length_b   79.140
_cell.length_c   107.780
_cell.angle_alpha   90.000
_cell.angle_beta   90.000
_cell.angle_gamma   120.000
#
_symmetry.space_group_name_H-M   'P 61 2 2'
#
loop_
_entity.id
_entity.type
_entity.pdbx_description
1 polymer 'Dihydrofolate reductase'
2 non-polymer 'NADP NICOTINAMIDE-ADENINE-DINUCLEOTIDE PHOSPHATE'
3 non-polymer (2E)-3-{5-[(2,4-diaminopyrimidin-5-yl)methyl]-2,3-dimethoxyphenyl}-1-[(1S)-1-(4-methylphenyl)phthalazin-2(1H)-yl]prop-2-en-1-one
4 non-polymer GLYCEROL
5 water water
#
_entity_poly.entity_id   1
_entity_poly.type   'polypeptide(L)'
_entity_poly.pdbx_seq_one_letter_code
;MTLSILVAHDLQRVIGFENQLPWHLPNDLKHVKKLSTGHTLVMGRKTFESIGKPLPNRRNVVLTSDTSFNVEGVDVIHSI
EDIYQLPGHVFIFGGQTLFEEMIDKVDDMYITVIEGKFRGDTFFPPYTFEDWEVASSVEGKLDEKNTIPHTFLHLIRKKL
VPR
;
_entity_poly.pdbx_strand_id   A
#
loop_
_chem_comp.id
_chem_comp.type
_chem_comp.name
_chem_comp.formula
GOL non-polymer GLYCEROL 'C3 H8 O3'
NAP non-polymer 'NADP NICOTINAMIDE-ADENINE-DINUCLEOTIDE PHOSPHATE' 'C21 H28 N7 O17 P3'
OWS non-polymer (2E)-3-{5-[(2,4-diaminopyrimidin-5-yl)methyl]-2,3-dimethoxyphenyl}-1-[(1S)-1-(4-methylphenyl)phthalazin-2(1H)-yl]prop-2-en-1-one 'C31 H30 N6 O3'
#
# COMPACT_ATOMS: atom_id res chain seq x y z
N THR A 2 6.75 -2.39 13.62
CA THR A 2 5.51 -2.79 12.99
C THR A 2 5.71 -2.92 11.47
N LEU A 3 5.07 -3.93 10.89
CA LEU A 3 5.05 -4.10 9.45
C LEU A 3 3.60 -4.07 8.98
N SER A 4 3.26 -3.09 8.13
CA SER A 4 1.89 -2.91 7.68
C SER A 4 1.80 -2.91 6.15
N ILE A 5 0.64 -3.29 5.64
CA ILE A 5 0.31 -3.02 4.25
C ILE A 5 -0.45 -1.67 4.18
N LEU A 6 -0.12 -0.89 3.14
CA LEU A 6 -0.84 0.33 2.80
C LEU A 6 -1.31 0.26 1.35
N VAL A 7 -2.61 0.27 1.12
CA VAL A 7 -3.14 0.00 -0.23
C VAL A 7 -4.52 0.62 -0.45
N ALA A 8 -4.80 1.04 -1.68
CA ALA A 8 -6.16 1.39 -2.10
C ALA A 8 -6.59 0.38 -3.17
N HIS A 9 -7.72 -0.29 -2.95
CA HIS A 9 -8.25 -1.20 -3.99
C HIS A 9 -9.73 -0.98 -4.15
N ASP A 10 -10.26 -1.29 -5.34
CA ASP A 10 -11.67 -0.99 -5.60
C ASP A 10 -12.51 -2.23 -5.22
N LEU A 11 -13.78 -2.23 -5.60
CA LEU A 11 -14.71 -3.28 -5.20
C LEU A 11 -14.30 -4.66 -5.71
N GLN A 12 -13.44 -4.70 -6.72
CA GLN A 12 -12.98 -5.99 -7.27
C GLN A 12 -11.48 -6.20 -7.06
N ARG A 13 -10.94 -5.39 -6.15
CA ARG A 13 -9.54 -5.40 -5.71
C ARG A 13 -8.55 -4.94 -6.80
N VAL A 14 -9.03 -4.17 -7.76
CA VAL A 14 -8.14 -3.49 -8.71
C VAL A 14 -7.31 -2.48 -7.94
N ILE A 15 -6.00 -2.46 -8.20
CA ILE A 15 -5.16 -1.42 -7.59
C ILE A 15 -4.49 -0.52 -8.63
N GLY A 16 -4.46 -0.95 -9.89
CA GLY A 16 -3.75 -0.17 -10.89
C GLY A 16 -4.13 -0.47 -12.33
N PHE A 17 -3.78 0.47 -13.20
CA PHE A 17 -3.96 0.28 -14.64
C PHE A 17 -2.87 1.03 -15.37
N GLU A 18 -2.14 0.30 -16.20
CA GLU A 18 -1.02 0.88 -16.95
C GLU A 18 -0.09 1.71 -16.08
N ASN A 19 0.38 1.08 -15.00
CA ASN A 19 1.32 1.67 -14.04
C ASN A 19 0.86 3.01 -13.48
N GLN A 20 -0.45 3.21 -13.39
CA GLN A 20 -1.05 4.39 -12.75
C GLN A 20 -2.18 3.96 -11.81
N LEU A 21 -2.53 4.81 -10.85
CA LEU A 21 -3.76 4.61 -10.08
C LEU A 21 -4.94 4.83 -11.03
N PRO A 22 -5.95 3.96 -10.98
CA PRO A 22 -7.08 4.14 -11.90
C PRO A 22 -7.97 5.31 -11.54
N TRP A 23 -7.89 5.80 -10.30
CA TRP A 23 -8.78 6.86 -9.81
C TRP A 23 -8.02 8.12 -9.50
N HIS A 24 -8.72 9.24 -9.54
CA HIS A 24 -8.20 10.50 -9.02
C HIS A 24 -8.90 10.76 -7.71
N LEU A 25 -8.17 10.63 -6.61
CA LEU A 25 -8.74 10.81 -5.30
C LEU A 25 -7.74 11.42 -4.33
N PRO A 26 -7.64 12.77 -4.34
CA PRO A 26 -6.68 13.49 -3.49
C PRO A 26 -6.73 13.08 -2.03
N ASN A 27 -7.91 12.90 -1.48
CA ASN A 27 -8.08 12.53 -0.06
CA ASN A 27 -8.01 12.59 -0.05
C ASN A 27 -7.30 11.27 0.30
N ASP A 28 -7.19 10.34 -0.65
CA ASP A 28 -6.51 9.10 -0.31
C ASP A 28 -5.01 9.32 -0.23
N LEU A 29 -4.51 10.22 -1.08
CA LEU A 29 -3.10 10.53 -1.07
C LEU A 29 -2.75 11.32 0.20
N LYS A 30 -3.68 12.16 0.67
CA LYS A 30 -3.53 12.80 1.98
C LYS A 30 -3.48 11.76 3.12
N HIS A 31 -4.37 10.76 3.02
CA HIS A 31 -4.42 9.65 3.97
C HIS A 31 -3.07 8.94 4.03
N VAL A 32 -2.55 8.63 2.83
CA VAL A 32 -1.27 8.00 2.71
C VAL A 32 -0.20 8.85 3.38
N LYS A 33 -0.21 10.15 3.06
CA LYS A 33 0.75 11.09 3.63
C LYS A 33 0.72 11.09 5.16
N LYS A 34 -0.48 11.17 5.74
CA LYS A 34 -0.57 11.28 7.19
C LYS A 34 -0.14 9.97 7.87
N LEU A 35 -0.49 8.82 7.31
CA LEU A 35 -0.06 7.55 7.87
C LEU A 35 1.45 7.33 7.82
N SER A 36 2.09 7.73 6.73
CA SER A 36 3.46 7.29 6.44
C SER A 36 4.55 8.32 6.74
N THR A 37 4.16 9.57 7.03
CA THR A 37 5.16 10.59 7.34
C THR A 37 5.97 10.18 8.57
N GLY A 38 7.28 10.29 8.47
CA GLY A 38 8.17 9.96 9.57
C GLY A 38 8.50 8.48 9.63
N HIS A 39 7.96 7.70 8.70
CA HIS A 39 8.17 6.25 8.73
C HIS A 39 8.80 5.76 7.43
N THR A 40 8.58 4.50 7.08
CA THR A 40 9.28 3.90 5.93
C THR A 40 8.32 3.26 4.93
N LEU A 41 8.50 3.58 3.66
CA LEU A 41 7.76 2.95 2.57
C LEU A 41 8.67 1.94 1.86
N VAL A 42 8.15 0.74 1.66
CA VAL A 42 8.82 -0.28 0.87
C VAL A 42 7.95 -0.51 -0.36
N MET A 43 8.54 -0.34 -1.55
CA MET A 43 7.78 -0.47 -2.79
C MET A 43 8.58 -1.19 -3.86
N GLY A 44 7.88 -1.88 -4.76
CA GLY A 44 8.52 -2.51 -5.90
C GLY A 44 8.99 -1.46 -6.88
N ARG A 45 9.84 -1.87 -7.83
CA ARG A 45 10.47 -0.91 -8.73
C ARG A 45 9.46 -0.18 -9.62
N LYS A 46 8.43 -0.89 -10.08
CA LYS A 46 7.47 -0.29 -10.99
C LYS A 46 6.63 0.78 -10.31
N THR A 47 6.24 0.51 -9.07
CA THR A 47 5.52 1.49 -8.27
C THR A 47 6.37 2.76 -8.11
N PHE A 48 7.66 2.58 -7.82
CA PHE A 48 8.53 3.76 -7.66
C PHE A 48 8.63 4.57 -8.95
N GLU A 49 8.84 3.89 -10.07
N GLU A 49 8.84 3.88 -10.07
CA GLU A 49 8.99 4.58 -11.36
CA GLU A 49 8.97 4.54 -11.37
C GLU A 49 7.71 5.32 -11.72
C GLU A 49 7.72 5.31 -11.74
N SER A 50 6.56 4.79 -11.32
CA SER A 50 5.29 5.45 -11.58
C SER A 50 5.17 6.78 -10.85
N ILE A 51 5.52 6.76 -9.56
CA ILE A 51 5.58 7.98 -8.76
C ILE A 51 6.70 8.89 -9.27
N GLY A 52 7.85 8.31 -9.61
CA GLY A 52 8.90 9.06 -10.30
C GLY A 52 9.98 9.69 -9.42
N LYS A 53 9.60 10.04 -8.19
CA LYS A 53 10.51 10.66 -7.23
C LYS A 53 10.21 10.09 -5.84
N PRO A 54 11.18 10.20 -4.90
CA PRO A 54 10.89 9.81 -3.52
C PRO A 54 9.82 10.72 -2.94
N LEU A 55 8.98 10.19 -2.06
CA LEU A 55 8.03 11.03 -1.36
C LEU A 55 8.75 11.64 -0.14
N PRO A 56 8.64 12.98 0.02
CA PRO A 56 9.38 13.69 1.07
C PRO A 56 8.94 13.32 2.48
N ASN A 57 9.87 13.40 3.44
CA ASN A 57 9.61 13.30 4.87
C ASN A 57 9.21 11.89 5.30
N ARG A 58 9.75 10.90 4.59
CA ARG A 58 9.72 9.50 4.99
C ARG A 58 10.85 8.80 4.29
N ARG A 59 11.27 7.65 4.82
CA ARG A 59 12.22 6.81 4.12
C ARG A 59 11.58 6.07 2.95
N ASN A 60 12.21 6.19 1.78
CA ASN A 60 11.76 5.54 0.55
C ASN A 60 12.66 4.38 0.20
N VAL A 61 12.12 3.18 0.28
CA VAL A 61 12.89 1.97 0.01
C VAL A 61 12.33 1.23 -1.21
N VAL A 62 13.19 0.96 -2.19
CA VAL A 62 12.77 0.30 -3.42
C VAL A 62 13.37 -1.10 -3.53
N LEU A 63 12.49 -2.08 -3.73
CA LEU A 63 12.93 -3.46 -3.95
C LEU A 63 13.06 -3.74 -5.45
N THR A 64 14.24 -4.19 -5.85
CA THR A 64 14.55 -4.41 -7.26
C THR A 64 15.68 -5.42 -7.36
N SER A 65 15.74 -6.16 -8.47
CA SER A 65 16.90 -7.01 -8.72
C SER A 65 18.02 -6.21 -9.39
N ASP A 66 17.73 -4.97 -9.77
CA ASP A 66 18.71 -4.16 -10.51
C ASP A 66 19.84 -3.68 -9.60
N THR A 67 21.00 -4.30 -9.73
CA THR A 67 22.16 -3.96 -8.91
C THR A 67 22.74 -2.58 -9.28
N SER A 68 22.31 -2.03 -10.41
CA SER A 68 22.72 -0.69 -10.84
C SER A 68 21.78 0.40 -10.33
N PHE A 69 20.69 0.00 -9.69
CA PHE A 69 19.68 0.95 -9.25
C PHE A 69 20.28 1.89 -8.23
N ASN A 70 20.10 3.18 -8.46
CA ASN A 70 20.62 4.19 -7.57
C ASN A 70 19.91 5.49 -7.84
N VAL A 71 19.13 5.93 -6.86
CA VAL A 71 18.39 7.16 -7.01
C VAL A 71 18.58 7.97 -5.75
N GLU A 72 18.89 9.25 -5.91
CA GLU A 72 19.10 10.12 -4.77
C GLU A 72 17.81 10.19 -3.94
N GLY A 73 17.94 9.96 -2.64
CA GLY A 73 16.80 10.03 -1.74
C GLY A 73 16.09 8.70 -1.59
N VAL A 74 16.64 7.66 -2.21
CA VAL A 74 16.04 6.34 -2.20
C VAL A 74 17.02 5.28 -1.70
N ASP A 75 16.59 4.47 -0.74
CA ASP A 75 17.38 3.33 -0.33
C ASP A 75 16.92 2.12 -1.11
N VAL A 76 17.88 1.26 -1.48
CA VAL A 76 17.59 0.10 -2.32
C VAL A 76 17.78 -1.19 -1.54
N ILE A 77 16.88 -2.14 -1.76
CA ILE A 77 17.07 -3.52 -1.27
C ILE A 77 16.87 -4.48 -2.44
N HIS A 78 17.38 -5.70 -2.31
CA HIS A 78 17.34 -6.66 -3.43
C HIS A 78 16.67 -7.97 -3.04
N SER A 79 16.18 -8.05 -1.81
CA SER A 79 15.52 -9.25 -1.30
C SER A 79 14.39 -8.92 -0.32
N ILE A 80 13.35 -9.75 -0.36
CA ILE A 80 12.27 -9.69 0.64
C ILE A 80 12.84 -9.71 2.06
N GLU A 81 13.80 -10.59 2.30
CA GLU A 81 14.38 -10.73 3.64
C GLU A 81 14.98 -9.42 4.16
N ASP A 82 15.44 -8.56 3.26
CA ASP A 82 15.95 -7.25 3.64
C ASP A 82 14.92 -6.38 4.38
N ILE A 83 13.63 -6.64 4.13
CA ILE A 83 12.56 -5.81 4.69
C ILE A 83 12.56 -5.90 6.21
N TYR A 84 12.82 -7.09 6.72
CA TYR A 84 12.75 -7.33 8.16
C TYR A 84 13.89 -6.67 8.94
N GLN A 85 14.90 -6.17 8.22
CA GLN A 85 16.02 -5.47 8.85
C GLN A 85 15.80 -3.96 8.89
N LEU A 86 14.68 -3.51 8.35
CA LEU A 86 14.36 -2.09 8.38
C LEU A 86 13.76 -1.73 9.73
N PRO A 87 14.33 -0.70 10.38
CA PRO A 87 13.84 -0.23 11.68
C PRO A 87 12.54 0.55 11.56
N GLY A 88 11.76 0.58 12.63
CA GLY A 88 10.63 1.48 12.74
C GLY A 88 9.37 0.88 12.15
N HIS A 89 8.40 1.73 11.88
CA HIS A 89 7.15 1.29 11.28
C HIS A 89 7.29 1.28 9.77
N VAL A 90 7.23 0.08 9.18
CA VAL A 90 7.41 -0.13 7.76
C VAL A 90 6.08 -0.41 7.07
N PHE A 91 5.78 0.34 6.01
CA PHE A 91 4.57 0.14 5.22
C PHE A 91 4.91 -0.45 3.85
N ILE A 92 4.34 -1.62 3.57
CA ILE A 92 4.38 -2.19 2.25
C ILE A 92 3.47 -1.39 1.34
N PHE A 93 4.06 -0.72 0.35
CA PHE A 93 3.44 0.36 -0.38
C PHE A 93 2.91 -0.05 -1.78
N GLY A 94 3.27 -1.26 -2.22
CA GLY A 94 2.87 -1.73 -3.54
C GLY A 94 4.06 -2.20 -4.37
N GLY A 95 3.82 -2.73 -5.57
CA GLY A 95 2.48 -2.85 -6.14
C GLY A 95 1.98 -4.28 -5.98
N GLN A 96 1.35 -4.83 -7.01
CA GLN A 96 0.78 -6.17 -6.92
C GLN A 96 1.77 -7.24 -6.45
N THR A 97 2.97 -7.23 -7.03
N THR A 97 2.97 -7.25 -7.03
CA THR A 97 3.98 -8.23 -6.71
CA THR A 97 3.97 -8.26 -6.68
C THR A 97 4.36 -8.19 -5.23
C THR A 97 4.33 -8.20 -5.20
N LEU A 98 4.60 -7.00 -4.70
CA LEU A 98 4.99 -6.86 -3.32
C LEU A 98 3.84 -7.24 -2.37
N PHE A 99 2.61 -6.87 -2.73
CA PHE A 99 1.45 -7.24 -1.90
C PHE A 99 1.31 -8.76 -1.83
N GLU A 100 1.43 -9.43 -2.98
CA GLU A 100 1.34 -10.89 -3.03
C GLU A 100 2.41 -11.55 -2.18
N GLU A 101 3.62 -11.00 -2.23
CA GLU A 101 4.72 -11.53 -1.46
C GLU A 101 4.59 -11.28 0.04
N MET A 102 3.86 -10.24 0.43
CA MET A 102 3.86 -9.85 1.84
C MET A 102 2.53 -10.02 2.60
N ILE A 103 1.44 -10.27 1.91
CA ILE A 103 0.14 -10.24 2.60
C ILE A 103 0.08 -11.27 3.72
N ASP A 104 0.75 -12.41 3.57
CA ASP A 104 0.77 -13.43 4.61
C ASP A 104 1.75 -13.15 5.74
N LYS A 105 2.49 -12.04 5.65
CA LYS A 105 3.56 -11.70 6.59
C LYS A 105 3.30 -10.46 7.43
N VAL A 106 2.41 -9.58 6.99
CA VAL A 106 2.24 -8.31 7.69
C VAL A 106 1.39 -8.44 8.95
N ASP A 107 1.60 -7.53 9.91
CA ASP A 107 0.80 -7.47 11.12
C ASP A 107 -0.61 -6.97 10.83
N ASP A 108 -0.70 -5.92 10.02
CA ASP A 108 -1.96 -5.26 9.80
C ASP A 108 -1.96 -4.59 8.44
N MET A 109 -3.12 -4.09 8.04
CA MET A 109 -3.31 -3.49 6.74
C MET A 109 -4.11 -2.20 6.86
N TYR A 110 -3.62 -1.14 6.22
CA TYR A 110 -4.40 0.09 6.05
C TYR A 110 -4.95 0.12 4.64
N ILE A 111 -6.24 -0.18 4.50
CA ILE A 111 -6.83 -0.31 3.18
C ILE A 111 -7.83 0.80 2.93
N THR A 112 -7.67 1.50 1.83
CA THR A 112 -8.75 2.35 1.33
C THR A 112 -9.54 1.55 0.32
N VAL A 113 -10.78 1.22 0.67
CA VAL A 113 -11.68 0.60 -0.29
C VAL A 113 -12.31 1.68 -1.16
N ILE A 114 -11.97 1.67 -2.45
CA ILE A 114 -12.56 2.57 -3.41
C ILE A 114 -13.89 1.94 -3.84
N GLU A 115 -15.01 2.58 -3.51
CA GLU A 115 -16.31 1.94 -3.69
C GLU A 115 -16.81 2.08 -5.12
N GLY A 116 -16.02 1.57 -6.06
CA GLY A 116 -16.36 1.60 -7.46
C GLY A 116 -15.74 0.44 -8.22
N LYS A 117 -16.02 0.38 -9.51
CA LYS A 117 -15.49 -0.68 -10.36
C LYS A 117 -14.72 -0.05 -11.50
N PHE A 118 -13.40 -0.20 -11.44
CA PHE A 118 -12.50 0.39 -12.42
C PHE A 118 -11.92 -0.68 -13.33
N ARG A 119 -11.49 -0.25 -14.52
CA ARG A 119 -10.67 -1.12 -15.36
C ARG A 119 -9.27 -1.22 -14.75
N GLY A 120 -8.78 -2.44 -14.55
CA GLY A 120 -7.44 -2.61 -14.01
C GLY A 120 -6.63 -3.69 -14.68
N ASP A 121 -5.32 -3.66 -14.44
CA ASP A 121 -4.49 -4.75 -14.91
C ASP A 121 -3.63 -5.26 -13.77
N THR A 122 -3.81 -4.71 -12.57
CA THR A 122 -3.10 -5.21 -11.40
C THR A 122 -4.04 -5.22 -10.19
N PHE A 123 -3.87 -6.22 -9.34
CA PHE A 123 -4.85 -6.50 -8.28
C PHE A 123 -4.21 -6.73 -6.93
N PHE A 124 -4.96 -6.39 -5.88
CA PHE A 124 -4.61 -6.79 -4.52
C PHE A 124 -5.03 -8.25 -4.34
N PRO A 125 -4.24 -9.07 -3.63
CA PRO A 125 -4.64 -10.47 -3.49
C PRO A 125 -5.93 -10.61 -2.70
N PRO A 126 -6.73 -11.64 -2.99
CA PRO A 126 -7.95 -11.88 -2.21
C PRO A 126 -7.62 -12.13 -0.73
N TYR A 127 -8.51 -11.69 0.15
CA TYR A 127 -8.39 -11.92 1.58
C TYR A 127 -9.80 -12.03 2.17
N THR A 128 -9.92 -12.60 3.36
CA THR A 128 -11.24 -12.74 3.97
C THR A 128 -11.31 -12.06 5.34
N PHE A 129 -12.43 -11.39 5.62
CA PHE A 129 -12.62 -10.75 6.93
C PHE A 129 -12.71 -11.78 8.06
N GLU A 130 -12.81 -13.04 7.70
CA GLU A 130 -12.72 -14.10 8.70
C GLU A 130 -11.33 -14.09 9.33
N ASP A 131 -10.33 -13.64 8.57
CA ASP A 131 -8.96 -13.65 9.06
C ASP A 131 -8.54 -12.31 9.66
N TRP A 132 -9.36 -11.28 9.46
CA TRP A 132 -8.95 -9.90 9.78
C TRP A 132 -9.99 -9.17 10.59
N GLU A 133 -9.58 -8.64 11.74
CA GLU A 133 -10.46 -7.84 12.58
C GLU A 133 -10.46 -6.39 12.09
N VAL A 134 -11.64 -5.78 12.04
CA VAL A 134 -11.78 -4.38 11.63
C VAL A 134 -11.50 -3.47 12.84
N ALA A 135 -10.26 -2.99 12.96
CA ALA A 135 -9.89 -2.13 14.08
C ALA A 135 -10.59 -0.79 13.95
N SER A 136 -10.78 -0.34 12.71
CA SER A 136 -11.55 0.87 12.42
C SER A 136 -12.01 0.88 10.97
N SER A 137 -13.18 1.49 10.75
CA SER A 137 -13.74 1.69 9.43
C SER A 137 -14.34 3.08 9.37
N VAL A 138 -13.75 3.93 8.54
CA VAL A 138 -14.11 5.34 8.48
C VAL A 138 -14.42 5.75 7.04
N GLU A 139 -15.65 6.21 6.80
CA GLU A 139 -16.02 6.68 5.46
C GLU A 139 -15.28 7.95 5.09
N GLY A 140 -14.76 8.01 3.86
CA GLY A 140 -14.10 9.22 3.40
C GLY A 140 -15.18 10.24 3.08
N LYS A 141 -14.88 11.52 3.25
CA LYS A 141 -15.84 12.57 2.93
C LYS A 141 -15.72 12.95 1.47
N LEU A 142 -16.87 13.11 0.83
CA LEU A 142 -16.91 13.47 -0.59
C LEU A 142 -17.08 14.96 -0.78
N ASP A 143 -16.46 15.49 -1.82
CA ASP A 143 -16.60 16.90 -2.14
C ASP A 143 -16.31 17.15 -3.59
N GLU A 144 -16.00 18.42 -3.89
CA GLU A 144 -15.72 18.86 -5.24
C GLU A 144 -14.56 18.10 -5.86
N LYS A 145 -13.48 17.92 -5.13
CA LYS A 145 -12.31 17.23 -5.66
C LYS A 145 -12.21 15.73 -5.36
N ASN A 146 -13.13 15.21 -4.56
CA ASN A 146 -13.11 13.82 -4.13
C ASN A 146 -14.51 13.24 -4.30
N THR A 147 -14.74 12.69 -5.46
CA THR A 147 -16.06 12.33 -5.85
C THR A 147 -16.44 10.83 -5.85
N ILE A 148 -15.48 10.00 -5.54
CA ILE A 148 -15.65 8.60 -5.49
C ILE A 148 -15.81 8.13 -4.03
N PRO A 149 -16.89 7.44 -3.71
CA PRO A 149 -17.05 7.01 -2.32
C PRO A 149 -15.91 6.08 -1.92
N HIS A 150 -15.42 6.23 -0.69
CA HIS A 150 -14.28 5.43 -0.27
C HIS A 150 -14.29 5.26 1.23
N THR A 151 -13.71 4.15 1.69
CA THR A 151 -13.75 3.79 3.10
C THR A 151 -12.35 3.42 3.54
N PHE A 152 -11.91 4.04 4.63
CA PHE A 152 -10.64 3.73 5.25
C PHE A 152 -10.74 2.59 6.26
N LEU A 153 -10.12 1.45 5.95
CA LEU A 153 -10.13 0.29 6.86
C LEU A 153 -8.77 0.12 7.51
N HIS A 154 -8.75 -0.12 8.82
CA HIS A 154 -7.55 -0.60 9.46
C HIS A 154 -7.85 -2.02 9.92
N LEU A 155 -7.18 -3.00 9.30
CA LEU A 155 -7.44 -4.42 9.58
C LEU A 155 -6.25 -5.05 10.32
N ILE A 156 -6.54 -5.82 11.36
CA ILE A 156 -5.48 -6.44 12.14
C ILE A 156 -5.69 -7.95 12.05
N ARG A 157 -4.60 -8.68 11.77
CA ARG A 157 -4.70 -10.11 11.60
C ARG A 157 -5.23 -10.78 12.87
N LYS A 158 -6.23 -11.64 12.72
CA LYS A 158 -6.79 -12.35 13.88
C LYS A 158 -5.88 -13.47 14.33
N LYS A 159 -5.84 -13.73 15.63
CA LYS A 159 -5.02 -14.83 16.14
C LYS A 159 -5.81 -16.13 16.04
N LEU A 160 -5.12 -17.22 15.72
CA LEU A 160 -5.73 -18.53 15.71
C LEU A 160 -5.75 -19.08 17.13
N VAL A 161 -6.94 -19.36 17.65
CA VAL A 161 -7.08 -19.91 19.00
C VAL A 161 -8.00 -21.15 18.97
N PRO A 162 -7.80 -22.07 19.92
CA PRO A 162 -8.69 -23.23 20.06
C PRO A 162 -10.13 -22.80 20.39
N ARG A 163 -11.10 -23.29 19.61
CA ARG A 163 -12.47 -22.77 19.68
C ARG A 163 -13.10 -22.92 21.05
PA NAP B . 5.59 -3.52 -8.44
O1A NAP B . 5.22 -4.57 -7.41
O2A NAP B . 5.41 -2.05 -8.16
O5B NAP B . 7.15 -3.71 -8.79
C5B NAP B . 7.58 -4.92 -9.40
C4B NAP B . 9.09 -4.97 -9.32
O4B NAP B . 9.51 -5.05 -7.97
C3B NAP B . 9.69 -6.23 -9.94
O3B NAP B . 9.72 -6.19 -11.35
C2B NAP B . 11.06 -6.22 -9.32
O2B NAP B . 11.84 -5.17 -9.88
C1B NAP B . 10.75 -5.77 -7.90
N9A NAP B . 10.60 -6.93 -7.00
C8A NAP B . 9.43 -7.41 -6.54
N7A NAP B . 9.64 -8.48 -5.73
C5A NAP B . 10.97 -8.70 -5.69
C6A NAP B . 11.86 -9.67 -5.01
N6A NAP B . 11.36 -10.65 -4.23
N1A NAP B . 13.18 -9.54 -5.24
C2A NAP B . 13.69 -8.57 -6.02
N3A NAP B . 12.95 -7.66 -6.66
C4A NAP B . 11.59 -7.67 -6.53
O3 NAP B . 4.92 -3.88 -9.86
PN NAP B . 3.47 -4.51 -10.17
O1N NAP B . 3.25 -4.50 -11.67
O2N NAP B . 3.35 -5.79 -9.41
O5D NAP B . 2.43 -3.43 -9.56
C5D NAP B . 2.33 -2.16 -10.19
C4D NAP B . 0.92 -1.55 -10.18
O4D NAP B . 0.38 -1.36 -8.85
C3D NAP B . 0.90 -0.19 -10.85
O3D NAP B . -0.20 -0.17 -11.76
C2D NAP B . 0.66 0.81 -9.74
O2D NAP B . -0.10 1.90 -10.24
C1D NAP B . -0.14 -0.02 -8.73
N1N NAP B . -0.10 0.35 -7.31
C2N NAP B . -1.27 0.55 -6.69
C3N NAP B . -1.34 0.85 -5.32
C7N NAP B . -2.67 1.09 -4.67
O7N NAP B . -2.72 1.18 -3.46
N7N NAP B . -3.77 1.21 -5.43
C4N NAP B . -0.16 0.90 -4.59
C5N NAP B . 1.04 0.68 -5.26
C6N NAP B . 1.05 0.39 -6.63
P2B NAP B . 12.92 -5.42 -11.07
O1X NAP B . 13.58 -4.07 -11.28
O2X NAP B . 13.84 -6.47 -10.47
O3X NAP B . 12.10 -5.93 -12.22
C12 OWS C . 1.80 13.11 -2.54
C17 OWS C . -3.39 15.77 -2.13
C13 OWS C . 0.44 13.80 -2.47
C15 OWS C . -1.44 14.92 -3.51
C16 OWS C . -2.04 15.09 -2.26
C14 OWS C . -0.20 14.29 -3.63
C11 OWS C . 2.63 13.56 -1.32
C02 OWS C . 1.99 11.04 -3.95
C05 OWS C . 2.11 11.36 -0.27
C06 OWS C . 2.75 12.71 -0.26
C07 OWS C . 3.51 13.14 0.88
C08 OWS C . 4.11 14.41 0.88
C09 OWS C . 3.98 15.27 -0.20
C10 OWS C . 3.24 14.86 -1.32
C18 OWS C . -1.39 14.61 -1.11
C19 OWS C . -0.15 13.96 -1.22
C20 OWS C . 2.03 9.52 -4.14
C21 OWS C . 0.90 8.91 -4.61
C22 OWS C . 0.86 7.45 -5.05
C23 OWS C . 0.94 7.14 -6.40
C25 OWS C . -0.12 8.74 -7.80
C26 OWS C . 0.90 5.82 -6.84
C28 OWS C . 1.10 4.25 -8.64
C29 OWS C . 0.76 4.78 -5.90
C30 OWS C . 0.68 5.08 -4.53
C31 OWS C . 0.53 3.97 -3.49
C32 OWS C . -0.73 4.00 -2.63
C33 OWS C . -1.79 4.87 -2.89
C35 OWS C . -2.97 4.03 -1.04
C38 OWS C . -0.86 3.13 -1.52
C40 OWS C . 0.73 6.42 -4.11
N03 OWS C . 1.78 11.61 -2.64
N04 OWS C . 1.64 10.86 -1.50
N34 OWS C . -2.90 4.86 -2.08
N36 OWS C . -4.13 4.06 -0.20
N37 OWS C . -1.96 3.18 -0.75
N39 OWS C . 0.18 2.20 -1.19
O01 OWS C . 2.14 11.77 -4.92
O24 OWS C . 1.05 8.16 -7.35
O27 OWS C . 0.98 5.56 -8.19
C1 GOL D . -12.20 -10.39 -1.30
O1 GOL D . -11.02 -11.16 -1.52
C2 GOL D . -11.83 -8.92 -1.15
O2 GOL D . -12.62 -8.12 -2.04
C3 GOL D . -12.09 -8.47 0.29
O3 GOL D . -13.50 -8.38 0.51
C1 GOL E . -3.74 -12.98 5.02
O1 GOL E . -2.79 -14.06 4.91
C2 GOL E . -4.92 -13.27 4.12
O2 GOL E . -5.17 -12.13 3.29
C3 GOL E . -6.16 -13.54 4.98
O3 GOL E . -7.31 -13.69 4.14
#